data_3HDB
#
_entry.id   3HDB
#
_cell.length_a   111.190
_cell.length_b   122.278
_cell.length_c   94.721
_cell.angle_alpha   90.00
_cell.angle_beta   90.00
_cell.angle_gamma   90.00
#
_symmetry.space_group_name_H-M   'C 2 2 21'
#
loop_
_entity.id
_entity.type
_entity.pdbx_description
1 polymer AAHIV
2 polymer KNL
3 branched 2-acetamido-2-deoxy-beta-D-glucopyranose-(1-4)-2-acetamido-2-deoxy-beta-D-glucopyranose
4 non-polymer 'ZINC ION'
5 non-polymer 'CALCIUM ION'
6 non-polymer 'NONAETHYLENE GLYCOL'
7 non-polymer 'CHLORIDE ION'
8 water water
#
loop_
_entity_poly.entity_id
_entity_poly.type
_entity_poly.pdbx_seq_one_letter_code
_entity_poly.pdbx_strand_id
1 'polypeptide(L)'
;YDPFKYVETVFVVDKAMVTKYNGDLDKIKTKMYEAANNMNEMYRYMFFRVVMVGLIIWTEEDKITVKPDVDYTLNAFAEW
RKTYLLAEKKHDNAQLITGIDFRGSIIGYAYIGSMCHPKRSVGIIQDYSPINLVLAVIMAHEMGHNLGIHHDDGYCYCGG
YPCIMGPSISPEPSKFFSNCSYIQCWDFIMNHNPECIDNEPLGTDIISPPLCGNELLEVGEECDCGTPENCQNPCCDAAT
CKLKSGSQCGHGKCCEQCKFRTSGTECRASMSECDPAEHCTGQSSECPADVFHKNGEPCLDNYGYCYNGNCPIMYHQCYA
LFGADIYEAEDSCFESNKKGNYYGYCRKENGKKIPCASEDVKCGRLYCKDDSPGQNNPCKMFYSNDDEHKGMVLPGTKCA
DGKVCSNGHCVDVTTAY
;
A
2 'polypeptide(L)' KNL L
#
# COMPACT_ATOMS: atom_id res chain seq x y z
N TYR A 1 -9.04 16.93 -0.23
CA TYR A 1 -8.12 15.96 0.45
C TYR A 1 -8.91 14.91 1.24
N ASP A 2 -8.73 13.65 0.88
CA ASP A 2 -9.27 12.52 1.64
C ASP A 2 -8.32 12.21 2.81
N PRO A 3 -8.78 12.46 4.06
CA PRO A 3 -7.91 12.30 5.24
C PRO A 3 -7.58 10.85 5.59
N PHE A 4 -8.50 9.94 5.26
CA PHE A 4 -8.37 8.53 5.64
C PHE A 4 -7.54 7.72 4.66
N LYS A 5 -6.86 6.71 5.20
CA LYS A 5 -6.21 5.69 4.39
C LYS A 5 -7.02 4.41 4.50
N TYR A 6 -6.85 3.51 3.54
CA TYR A 6 -7.63 2.28 3.48
C TYR A 6 -6.72 1.10 3.17
N VAL A 7 -6.67 0.14 4.08
CA VAL A 7 -5.86 -1.05 3.86
C VAL A 7 -6.74 -2.20 3.36
N GLU A 8 -6.64 -2.49 2.08
CA GLU A 8 -7.35 -3.59 1.45
C GLU A 8 -6.62 -4.90 1.73
N THR A 9 -7.22 -5.70 2.60
CA THR A 9 -6.54 -6.82 3.19
C THR A 9 -7.14 -8.16 2.76
N VAL A 10 -6.27 -9.07 2.37
CA VAL A 10 -6.63 -10.45 2.13
C VAL A 10 -6.19 -11.30 3.32
N PHE A 11 -7.11 -12.07 3.88
CA PHE A 11 -6.77 -12.97 4.99
C PHE A 11 -6.68 -14.41 4.52
N VAL A 12 -5.61 -15.08 4.95
CA VAL A 12 -5.35 -16.45 4.53
C VAL A 12 -5.32 -17.35 5.76
N VAL A 13 -6.23 -18.32 5.77
CA VAL A 13 -6.39 -19.28 6.86
C VAL A 13 -5.79 -20.62 6.43
N ASP A 14 -4.82 -21.11 7.19
CA ASP A 14 -4.13 -22.36 6.83
C ASP A 14 -4.87 -23.64 7.26
N LYS A 15 -4.33 -24.78 6.80
CA LYS A 15 -4.94 -26.09 7.04
CA LYS A 15 -4.93 -26.10 7.03
C LYS A 15 -5.02 -26.46 8.52
N ALA A 16 -3.98 -26.12 9.26
CA ALA A 16 -3.95 -26.34 10.71
C ALA A 16 -5.14 -25.67 11.41
N MET A 17 -5.52 -24.48 10.94
CA MET A 17 -6.70 -23.75 11.41
C MET A 17 -7.98 -24.52 11.15
N VAL A 18 -8.16 -24.93 9.90
CA VAL A 18 -9.30 -25.74 9.48
C VAL A 18 -9.44 -26.97 10.38
N THR A 19 -8.32 -27.64 10.64
CA THR A 19 -8.29 -28.81 11.50
C THR A 19 -8.66 -28.44 12.94
N LYS A 20 -8.01 -27.41 13.48
CA LYS A 20 -8.28 -26.89 14.82
C LYS A 20 -9.76 -26.65 15.11
N TYR A 21 -10.50 -26.17 14.10
CA TYR A 21 -11.92 -25.85 14.25
C TYR A 21 -12.82 -26.96 13.73
N ASN A 22 -12.23 -28.14 13.54
CA ASN A 22 -12.96 -29.34 13.17
C ASN A 22 -13.66 -29.22 11.81
N GLY A 23 -13.04 -28.48 10.89
CA GLY A 23 -13.59 -28.27 9.55
C GLY A 23 -14.75 -27.28 9.47
N ASP A 24 -15.06 -26.62 10.58
CA ASP A 24 -16.19 -25.68 10.67
C ASP A 24 -15.82 -24.33 10.05
N LEU A 25 -15.98 -24.23 8.73
CA LEU A 25 -15.56 -23.05 7.97
C LEU A 25 -16.41 -21.81 8.23
N ASP A 26 -17.68 -21.99 8.55
CA ASP A 26 -18.56 -20.88 8.93
C ASP A 26 -18.05 -20.19 10.20
N LYS A 27 -17.68 -20.99 11.18
CA LYS A 27 -17.13 -20.48 12.43
C LYS A 27 -15.84 -19.68 12.17
N ILE A 28 -15.03 -20.19 11.22
CA ILE A 28 -13.78 -19.55 10.84
C ILE A 28 -14.02 -18.19 10.17
N LYS A 29 -14.89 -18.18 9.17
CA LYS A 29 -15.25 -16.99 8.42
C LYS A 29 -15.80 -15.90 9.34
N THR A 30 -16.69 -16.28 10.25
CA THR A 30 -17.29 -15.34 11.20
C THR A 30 -16.23 -14.73 12.13
N LYS A 31 -15.36 -15.58 12.67
CA LYS A 31 -14.23 -15.12 13.48
C LYS A 31 -13.37 -14.10 12.71
N MET A 32 -13.15 -14.37 11.42
CA MET A 32 -12.35 -13.47 10.59
C MET A 32 -13.07 -12.17 10.27
N TYR A 33 -14.38 -12.24 9.97
CA TYR A 33 -15.16 -11.02 9.75
C TYR A 33 -15.13 -10.14 10.99
N GLU A 34 -15.33 -10.74 12.16
CA GLU A 34 -15.26 -10.04 13.43
C GLU A 34 -13.88 -9.45 13.69
N ALA A 35 -12.83 -10.22 13.37
CA ALA A 35 -11.46 -9.78 13.61
C ALA A 35 -11.15 -8.55 12.76
N ALA A 36 -11.48 -8.61 11.47
CA ALA A 36 -11.32 -7.47 10.55
C ALA A 36 -12.10 -6.24 10.99
N ASN A 37 -13.29 -6.45 11.53
CA ASN A 37 -14.08 -5.32 12.03
C ASN A 37 -13.47 -4.68 13.29
N ASN A 38 -12.95 -5.51 14.19
CA ASN A 38 -12.23 -5.02 15.36
C ASN A 38 -11.00 -4.20 14.96
N MET A 39 -10.26 -4.69 13.97
CA MET A 39 -9.11 -3.98 13.43
C MET A 39 -9.51 -2.60 12.88
N ASN A 40 -10.57 -2.59 12.07
CA ASN A 40 -11.15 -1.37 11.50
C ASN A 40 -11.42 -0.30 12.56
N GLU A 41 -12.02 -0.70 13.68
CA GLU A 41 -12.28 0.18 14.81
C GLU A 41 -11.01 0.69 15.49
N MET A 42 -10.04 -0.21 15.65
CA MET A 42 -8.74 0.15 16.21
C MET A 42 -8.08 1.23 15.34
N TYR A 43 -8.06 0.99 14.03
CA TYR A 43 -7.37 1.85 13.10
C TYR A 43 -8.07 3.19 12.83
N ARG A 44 -9.38 3.24 13.09
CA ARG A 44 -10.17 4.45 12.90
C ARG A 44 -9.53 5.66 13.60
N TYR A 45 -9.16 5.48 14.87
CA TYR A 45 -8.47 6.50 15.68
C TYR A 45 -7.22 7.09 15.04
N MET A 46 -6.61 6.32 14.13
CA MET A 46 -5.44 6.77 13.39
C MET A 46 -5.77 7.21 11.96
N PHE A 47 -7.06 7.46 11.70
CA PHE A 47 -7.56 7.83 10.36
C PHE A 47 -7.23 6.75 9.33
N PHE A 48 -7.50 5.50 9.70
CA PHE A 48 -7.27 4.35 8.86
C PHE A 48 -8.51 3.45 8.80
N ARG A 49 -8.70 2.80 7.66
CA ARG A 49 -9.72 1.77 7.50
C ARG A 49 -9.02 0.44 7.22
N VAL A 50 -9.54 -0.63 7.82
CA VAL A 50 -9.12 -1.99 7.48
C VAL A 50 -10.28 -2.68 6.78
N VAL A 51 -10.02 -3.14 5.56
CA VAL A 51 -11.07 -3.62 4.68
C VAL A 51 -10.74 -5.03 4.18
N MET A 52 -11.66 -5.97 4.43
CA MET A 52 -11.52 -7.35 3.93
C MET A 52 -11.95 -7.45 2.47
N VAL A 53 -10.97 -7.61 1.59
CA VAL A 53 -11.21 -7.79 0.15
C VAL A 53 -11.00 -9.24 -0.28
N GLY A 54 -10.53 -10.08 0.64
CA GLY A 54 -10.29 -11.49 0.34
C GLY A 54 -10.21 -12.33 1.60
N LEU A 55 -10.73 -13.55 1.52
CA LEU A 55 -10.65 -14.53 2.59
C LEU A 55 -10.35 -15.88 1.94
N ILE A 56 -9.11 -16.33 2.09
CA ILE A 56 -8.68 -17.61 1.54
C ILE A 56 -8.53 -18.63 2.66
N ILE A 57 -9.17 -19.78 2.51
CA ILE A 57 -9.07 -20.86 3.48
C ILE A 57 -8.43 -22.08 2.81
N TRP A 58 -7.25 -22.47 3.28
CA TRP A 58 -6.51 -23.57 2.69
C TRP A 58 -6.99 -24.92 3.23
N THR A 59 -8.16 -25.36 2.78
CA THR A 59 -8.76 -26.61 3.25
C THR A 59 -8.13 -27.85 2.62
N GLU A 60 -7.73 -27.75 1.35
CA GLU A 60 -7.18 -28.91 0.65
C GLU A 60 -5.72 -29.13 1.01
N GLU A 61 -4.93 -28.07 0.90
CA GLU A 61 -3.51 -28.09 1.23
C GLU A 61 -3.07 -26.67 1.47
N ASP A 62 -1.98 -26.50 2.23
CA ASP A 62 -1.29 -25.23 2.34
C ASP A 62 -0.53 -24.99 1.04
N LYS A 63 -0.42 -23.73 0.63
CA LYS A 63 0.28 -23.35 -0.59
C LYS A 63 1.72 -22.95 -0.30
N ILE A 64 2.05 -22.86 0.98
CA ILE A 64 3.43 -22.79 1.44
C ILE A 64 3.66 -23.91 2.44
N THR A 65 4.91 -24.03 2.92
CA THR A 65 5.22 -24.90 4.05
C THR A 65 5.15 -24.02 5.30
N VAL A 66 4.14 -24.26 6.12
CA VAL A 66 3.95 -23.46 7.34
C VAL A 66 4.76 -24.07 8.47
N LYS A 67 5.75 -23.31 8.94
CA LYS A 67 6.73 -23.79 9.91
C LYS A 67 6.70 -22.98 11.20
N PRO A 68 7.00 -23.64 12.34
CA PRO A 68 7.27 -22.97 13.62
C PRO A 68 8.36 -21.88 13.51
N ASP A 69 9.23 -21.99 12.51
CA ASP A 69 10.25 -20.97 12.25
C ASP A 69 9.59 -19.77 11.57
N VAL A 70 9.41 -18.71 12.35
CA VAL A 70 8.68 -17.54 11.89
C VAL A 70 9.36 -16.82 10.74
N ASP A 71 10.69 -16.86 10.69
CA ASP A 71 11.46 -16.27 9.59
C ASP A 71 11.23 -16.99 8.28
N TYR A 72 11.34 -18.31 8.29
CA TYR A 72 11.03 -19.10 7.10
C TYR A 72 9.59 -18.86 6.62
N THR A 73 8.66 -18.87 7.58
CA THR A 73 7.24 -18.79 7.28
C THR A 73 6.83 -17.39 6.83
N LEU A 74 7.37 -16.35 7.46
CA LEU A 74 7.10 -14.97 7.02
C LEU A 74 7.52 -14.79 5.56
N ASN A 75 8.72 -15.30 5.25
CA ASN A 75 9.32 -15.18 3.94
C ASN A 75 8.66 -16.05 2.87
N ALA A 76 8.34 -17.29 3.22
CA ALA A 76 7.60 -18.17 2.33
C ALA A 76 6.21 -17.62 1.99
N PHE A 77 5.55 -17.02 2.98
CA PHE A 77 4.22 -16.42 2.75
C PHE A 77 4.30 -15.16 1.88
N ALA A 78 5.34 -14.37 2.14
CA ALA A 78 5.66 -13.16 1.38
C ALA A 78 5.91 -13.44 -0.11
N GLU A 79 6.66 -14.52 -0.37
CA GLU A 79 6.94 -14.94 -1.76
C GLU A 79 5.69 -15.37 -2.52
N TRP A 80 4.86 -16.16 -1.85
CA TRP A 80 3.63 -16.67 -2.45
C TRP A 80 2.65 -15.54 -2.73
N ARG A 81 2.54 -14.60 -1.79
CA ARG A 81 1.66 -13.44 -1.89
C ARG A 81 2.00 -12.58 -3.10
N LYS A 82 3.29 -12.32 -3.29
CA LYS A 82 3.80 -11.54 -4.41
C LYS A 82 3.55 -12.23 -5.75
N THR A 83 3.99 -13.48 -5.88
CA THR A 83 3.98 -14.13 -7.18
C THR A 83 2.69 -14.88 -7.55
N TYR A 84 1.84 -15.17 -6.56
CA TYR A 84 0.58 -15.87 -6.82
C TYR A 84 -0.68 -15.10 -6.46
N LEU A 85 -0.73 -14.57 -5.24
CA LEU A 85 -1.92 -13.86 -4.76
C LEU A 85 -2.13 -12.51 -5.43
N LEU A 86 -1.06 -11.74 -5.61
CA LEU A 86 -1.12 -10.42 -6.23
C LEU A 86 -1.53 -10.49 -7.70
N ALA A 87 -1.34 -11.67 -8.31
CA ALA A 87 -1.75 -11.95 -9.69
C ALA A 87 -3.22 -12.34 -9.82
N GLU A 88 -3.86 -12.68 -8.70
CA GLU A 88 -5.28 -13.08 -8.70
C GLU A 88 -6.18 -12.03 -8.03
N LYS A 89 -5.59 -11.14 -7.24
CA LYS A 89 -6.34 -10.25 -6.38
C LYS A 89 -5.61 -8.95 -6.12
N LYS A 90 -6.30 -7.84 -6.40
CA LYS A 90 -5.77 -6.51 -6.12
C LYS A 90 -5.98 -6.22 -4.64
N HIS A 91 -4.88 -6.01 -3.93
CA HIS A 91 -4.91 -5.72 -2.50
C HIS A 91 -3.62 -5.08 -2.03
N ASP A 92 -3.68 -4.50 -0.83
CA ASP A 92 -2.58 -3.77 -0.26
C ASP A 92 -1.74 -4.63 0.69
N ASN A 93 -2.41 -5.55 1.38
CA ASN A 93 -1.81 -6.26 2.51
C ASN A 93 -2.42 -7.66 2.66
N ALA A 94 -1.60 -8.63 3.06
CA ALA A 94 -2.08 -9.99 3.33
C ALA A 94 -1.60 -10.48 4.67
N GLN A 95 -2.51 -11.14 5.40
CA GLN A 95 -2.16 -11.74 6.68
C GLN A 95 -2.42 -13.24 6.64
N LEU A 96 -1.45 -14.01 7.12
CA LEU A 96 -1.62 -15.45 7.32
C LEU A 96 -2.04 -15.76 8.75
N ILE A 97 -3.15 -16.47 8.88
CA ILE A 97 -3.65 -16.91 10.19
C ILE A 97 -3.46 -18.42 10.30
N THR A 98 -2.71 -18.83 11.30
CA THR A 98 -2.29 -20.22 11.39
C THR A 98 -2.74 -20.90 12.68
N GLY A 99 -3.09 -22.18 12.56
CA GLY A 99 -3.39 -23.05 13.70
C GLY A 99 -2.19 -23.72 14.33
N ILE A 100 -1.00 -23.57 13.73
CA ILE A 100 0.22 -24.16 14.30
C ILE A 100 0.77 -23.31 15.45
N ASP A 101 1.71 -23.89 16.18
CA ASP A 101 2.36 -23.24 17.30
C ASP A 101 3.75 -22.79 16.84
N PHE A 102 3.97 -21.48 16.72
CA PHE A 102 5.28 -20.95 16.33
C PHE A 102 6.33 -21.33 17.38
N ARG A 103 7.59 -21.41 16.97
CA ARG A 103 8.70 -21.70 17.89
C ARG A 103 8.82 -20.53 18.87
N GLY A 104 8.99 -20.84 20.14
CA GLY A 104 9.16 -19.82 21.18
C GLY A 104 7.87 -19.17 21.63
N SER A 105 7.97 -17.90 22.04
CA SER A 105 6.82 -17.22 22.62
C SER A 105 6.08 -16.36 21.60
N ILE A 106 6.59 -16.34 20.37
CA ILE A 106 6.04 -15.53 19.28
C ILE A 106 4.65 -15.97 18.77
N ILE A 107 3.75 -14.99 18.65
CA ILE A 107 2.41 -15.23 18.11
C ILE A 107 2.08 -14.35 16.90
N GLY A 108 3.04 -13.51 16.50
CA GLY A 108 2.89 -12.58 15.38
C GLY A 108 4.24 -12.12 14.86
N TYR A 109 4.38 -12.06 13.53
CA TYR A 109 5.64 -11.70 12.89
C TYR A 109 5.36 -10.96 11.59
N ALA A 110 6.01 -9.80 11.42
CA ALA A 110 5.74 -8.93 10.26
C ALA A 110 6.92 -8.02 9.93
N TYR A 111 7.13 -7.80 8.64
CA TYR A 111 8.12 -6.84 8.15
C TYR A 111 7.81 -5.45 8.65
N ILE A 112 8.87 -4.67 8.91
CA ILE A 112 8.72 -3.28 9.35
C ILE A 112 8.82 -2.29 8.19
N GLY A 113 7.85 -1.37 8.12
CA GLY A 113 7.80 -0.35 7.06
C GLY A 113 7.70 -0.93 5.67
N SER A 114 6.65 -1.70 5.41
CA SER A 114 6.57 -2.49 4.18
C SER A 114 5.27 -2.30 3.41
N MET A 115 4.31 -1.62 4.03
CA MET A 115 3.00 -1.42 3.42
C MET A 115 3.15 -1.10 1.96
N CYS A 116 2.42 -1.87 1.14
CA CYS A 116 2.36 -1.74 -0.32
C CYS A 116 3.44 -2.49 -1.09
N HIS A 117 4.52 -2.88 -0.42
CA HIS A 117 5.58 -3.64 -1.09
C HIS A 117 5.02 -4.95 -1.64
N PRO A 118 5.33 -5.29 -2.91
CA PRO A 118 4.78 -6.49 -3.53
C PRO A 118 4.94 -7.76 -2.68
N LYS A 119 6.09 -7.88 -2.02
CA LYS A 119 6.43 -9.05 -1.23
C LYS A 119 6.18 -8.83 0.27
N ARG A 120 6.62 -7.68 0.76
CA ARG A 120 6.77 -7.46 2.20
C ARG A 120 5.54 -6.92 2.93
N SER A 121 4.49 -6.62 2.17
CA SER A 121 3.27 -6.11 2.75
C SER A 121 2.41 -7.24 3.33
N VAL A 122 3.03 -8.07 4.17
CA VAL A 122 2.40 -9.26 4.74
C VAL A 122 2.76 -9.40 6.23
N GLY A 123 1.84 -10.03 6.97
CA GLY A 123 2.07 -10.41 8.36
C GLY A 123 1.63 -11.84 8.57
N ILE A 124 2.17 -12.50 9.60
CA ILE A 124 1.72 -13.85 10.01
C ILE A 124 1.32 -13.83 11.49
N ILE A 125 0.21 -14.49 11.79
CA ILE A 125 -0.44 -14.41 13.10
C ILE A 125 -0.87 -15.82 13.54
N GLN A 126 -0.45 -16.22 14.74
CA GLN A 126 -0.91 -17.46 15.33
C GLN A 126 -2.26 -17.26 16.01
N ASP A 127 -3.19 -18.16 15.75
CA ASP A 127 -4.51 -18.13 16.37
C ASP A 127 -4.39 -18.48 17.85
N TYR A 128 -4.01 -17.48 18.63
CA TYR A 128 -3.59 -17.63 20.03
C TYR A 128 -4.72 -17.65 21.07
N SER A 129 -5.91 -17.19 20.70
CA SER A 129 -7.01 -17.06 21.64
C SER A 129 -8.36 -17.12 20.93
N PRO A 130 -9.39 -17.74 21.57
CA PRO A 130 -10.76 -17.74 21.05
C PRO A 130 -11.46 -16.39 21.20
N ILE A 131 -10.94 -15.56 22.11
CA ILE A 131 -11.42 -14.19 22.28
C ILE A 131 -11.00 -13.43 21.03
N ASN A 132 -12.01 -13.02 20.27
CA ASN A 132 -11.78 -12.37 18.99
C ASN A 132 -11.00 -11.07 19.07
N LEU A 133 -11.18 -10.34 20.18
CA LEU A 133 -10.50 -9.07 20.37
C LEU A 133 -9.00 -9.24 20.50
N VAL A 134 -8.60 -10.31 21.21
CA VAL A 134 -7.19 -10.64 21.41
C VAL A 134 -6.49 -10.94 20.10
N LEU A 135 -7.17 -11.71 19.24
CA LEU A 135 -6.64 -12.06 17.92
C LEU A 135 -6.55 -10.82 17.03
N ALA A 136 -7.56 -9.96 17.15
CA ALA A 136 -7.61 -8.72 16.37
C ALA A 136 -6.48 -7.76 16.77
N VAL A 137 -6.13 -7.76 18.06
CA VAL A 137 -5.04 -6.93 18.57
C VAL A 137 -3.70 -7.35 17.95
N ILE A 138 -3.46 -8.66 17.88
CA ILE A 138 -2.25 -9.22 17.27
C ILE A 138 -2.19 -8.86 15.78
N MET A 139 -3.34 -8.96 15.11
CA MET A 139 -3.44 -8.64 13.69
C MET A 139 -3.20 -7.15 13.42
N ALA A 140 -3.79 -6.30 14.27
CA ALA A 140 -3.58 -4.85 14.21
C ALA A 140 -2.12 -4.47 14.46
N HIS A 141 -1.52 -5.13 15.44
CA HIS A 141 -0.11 -4.98 15.81
C HIS A 141 0.83 -5.30 14.65
N GLU A 142 0.60 -6.44 14.00
CA GLU A 142 1.49 -6.85 12.91
C GLU A 142 1.38 -5.94 11.69
N MET A 143 0.15 -5.52 11.36
CA MET A 143 -0.10 -4.49 10.34
C MET A 143 0.47 -3.13 10.76
N GLY A 144 0.51 -2.87 12.07
CA GLY A 144 1.25 -1.74 12.62
C GLY A 144 2.69 -1.72 12.14
N HIS A 145 3.37 -2.87 12.21
CA HIS A 145 4.76 -2.98 11.77
C HIS A 145 4.93 -2.76 10.25
N ASN A 146 3.98 -3.28 9.47
CA ASN A 146 3.93 -3.01 8.04
C ASN A 146 3.87 -1.51 7.78
N LEU A 147 3.25 -0.80 8.72
CA LEU A 147 3.05 0.64 8.61
C LEU A 147 4.23 1.44 9.18
N GLY A 148 5.39 0.80 9.28
CA GLY A 148 6.62 1.41 9.80
C GLY A 148 6.54 1.83 11.25
N ILE A 149 5.65 1.18 12.00
CA ILE A 149 5.53 1.43 13.42
C ILE A 149 6.36 0.37 14.15
N HIS A 150 7.14 0.82 15.13
N HIS A 150 7.17 0.81 15.12
CA HIS A 150 7.91 -0.04 16.03
CA HIS A 150 7.82 -0.14 16.01
C HIS A 150 7.15 -0.13 17.36
C HIS A 150 7.19 -0.09 17.39
N HIS A 151 7.66 -0.98 18.28
CA HIS A 151 7.06 -1.14 19.61
C HIS A 151 7.08 0.12 20.45
N ASP A 152 6.05 0.27 21.28
CA ASP A 152 5.94 1.37 22.24
C ASP A 152 6.99 1.26 23.34
N ASP A 153 7.60 2.39 23.66
CA ASP A 153 8.53 2.49 24.79
C ASP A 153 8.42 3.88 25.42
N GLY A 154 9.10 4.10 26.53
CA GLY A 154 9.07 5.40 27.20
C GLY A 154 7.67 5.79 27.67
N TYR A 155 7.20 6.94 27.19
CA TYR A 155 5.93 7.51 27.65
C TYR A 155 4.79 7.45 26.63
N CYS A 156 4.90 6.57 25.63
CA CYS A 156 3.85 6.38 24.63
C CYS A 156 2.52 6.07 25.31
N TYR A 157 1.46 6.77 24.89
CA TYR A 157 0.22 6.84 25.65
C TYR A 157 -1.02 6.57 24.80
N CYS A 158 -1.95 5.80 25.37
CA CYS A 158 -3.22 5.44 24.72
C CYS A 158 -4.35 5.34 25.75
N GLY A 159 -4.47 6.36 26.60
CA GLY A 159 -5.31 6.25 27.80
C GLY A 159 -4.56 5.43 28.84
N GLY A 160 -5.26 5.02 29.89
CA GLY A 160 -4.64 4.12 30.89
C GLY A 160 -4.29 2.76 30.31
N TYR A 161 -5.06 2.36 29.29
CA TYR A 161 -5.05 1.02 28.69
C TYR A 161 -3.68 0.54 28.16
N PRO A 162 -3.53 -0.79 28.01
CA PRO A 162 -2.38 -1.32 27.26
C PRO A 162 -2.50 -1.02 25.77
N CYS A 163 -1.45 -0.47 25.17
CA CYS A 163 -1.50 -0.13 23.76
C CYS A 163 -1.17 -1.31 22.85
N ILE A 164 -1.79 -1.30 21.66
CA ILE A 164 -1.65 -2.35 20.66
C ILE A 164 -0.19 -2.69 20.33
N MET A 165 0.67 -1.67 20.28
CA MET A 165 2.08 -1.87 19.89
C MET A 165 3.05 -2.17 21.04
N GLY A 166 2.50 -2.46 22.21
CA GLY A 166 3.27 -3.06 23.30
C GLY A 166 3.84 -4.39 22.83
N PRO A 167 5.12 -4.68 23.15
CA PRO A 167 5.82 -5.85 22.62
C PRO A 167 5.23 -7.22 23.03
N SER A 168 4.50 -7.25 24.14
CA SER A 168 3.81 -8.46 24.61
C SER A 168 2.30 -8.30 24.61
N ILE A 169 1.58 -9.41 24.41
CA ILE A 169 0.11 -9.38 24.42
C ILE A 169 -0.46 -9.29 25.84
N SER A 170 -1.35 -8.31 26.04
CA SER A 170 -2.03 -8.10 27.31
C SER A 170 -3.11 -9.17 27.56
N PRO A 171 -3.31 -9.55 28.84
CA PRO A 171 -4.39 -10.46 29.23
C PRO A 171 -5.78 -9.89 28.90
N GLU A 172 -5.98 -8.61 29.21
CA GLU A 172 -7.15 -7.88 28.73
C GLU A 172 -6.65 -6.68 27.90
N PRO A 173 -6.48 -6.88 26.58
CA PRO A 173 -5.95 -5.84 25.69
C PRO A 173 -7.01 -4.85 25.22
N SER A 174 -6.56 -3.66 24.82
CA SER A 174 -7.44 -2.58 24.39
C SER A 174 -7.46 -2.41 22.87
N LYS A 175 -8.39 -1.60 22.38
CA LYS A 175 -8.52 -1.27 20.96
C LYS A 175 -7.70 -0.03 20.58
N PHE A 176 -6.74 0.35 21.41
CA PHE A 176 -6.09 1.65 21.26
C PHE A 176 -4.62 1.65 20.87
N PHE A 177 -4.32 2.30 19.76
CA PHE A 177 -2.95 2.65 19.39
C PHE A 177 -2.46 3.82 20.23
N SER A 178 -1.14 3.91 20.41
CA SER A 178 -0.55 4.98 21.20
C SER A 178 -0.27 6.23 20.34
N ASN A 179 0.10 7.34 20.98
CA ASN A 179 0.52 8.54 20.26
C ASN A 179 1.78 8.33 19.42
N CYS A 180 2.70 7.50 19.91
CA CYS A 180 3.91 7.17 19.17
C CYS A 180 3.60 6.43 17.86
N SER A 181 2.62 5.53 17.92
CA SER A 181 2.23 4.71 16.78
C SER A 181 1.56 5.55 15.68
N TYR A 182 0.65 6.43 16.07
CA TYR A 182 0.06 7.41 15.16
C TYR A 182 1.13 8.23 14.44
N ILE A 183 2.03 8.83 15.22
CA ILE A 183 3.14 9.65 14.71
C ILE A 183 4.02 8.88 13.73
N GLN A 184 4.42 7.65 14.10
CA GLN A 184 5.29 6.83 13.26
C GLN A 184 4.57 6.35 12.01
N CYS A 185 3.29 6.03 12.15
CA CYS A 185 2.44 5.63 11.02
C CYS A 185 2.45 6.72 9.95
N TRP A 186 2.01 7.93 10.33
CA TRP A 186 1.94 9.04 9.39
C TRP A 186 3.31 9.59 8.95
N ASP A 187 4.31 9.49 9.83
CA ASP A 187 5.66 9.82 9.42
C ASP A 187 6.15 8.85 8.35
N PHE A 188 5.74 7.59 8.46
CA PHE A 188 6.01 6.58 7.43
C PHE A 188 5.24 6.90 6.16
N ILE A 189 4.02 7.40 6.31
CA ILE A 189 3.23 7.87 5.16
C ILE A 189 3.99 8.97 4.45
N MET A 190 4.30 10.05 5.18
CA MET A 190 5.12 11.16 4.68
C MET A 190 6.40 10.68 3.99
N ASN A 191 7.20 9.90 4.73
CA ASN A 191 8.54 9.54 4.29
C ASN A 191 8.62 8.55 3.13
N HIS A 192 7.79 7.52 3.14
CA HIS A 192 7.88 6.47 2.11
C HIS A 192 6.71 6.41 1.12
N ASN A 193 5.67 7.22 1.37
CA ASN A 193 4.55 7.37 0.44
C ASN A 193 3.96 6.03 -0.05
N PRO A 194 3.24 5.32 0.84
CA PRO A 194 2.60 4.08 0.39
C PRO A 194 1.29 4.41 -0.33
N GLU A 195 1.37 4.40 -1.67
CA GLU A 195 0.29 4.94 -2.50
C GLU A 195 -0.91 4.01 -2.62
N CYS A 196 -0.68 2.72 -2.38
CA CYS A 196 -1.72 1.71 -2.53
C CYS A 196 -2.88 1.84 -1.52
N ILE A 197 -2.65 2.56 -0.42
CA ILE A 197 -3.68 2.68 0.63
C ILE A 197 -4.50 3.98 0.55
N ASP A 198 -4.30 4.73 -0.53
CA ASP A 198 -4.97 6.03 -0.73
C ASP A 198 -6.43 5.86 -1.12
N ASN A 199 -6.69 4.92 -2.02
CA ASN A 199 -8.03 4.73 -2.59
C ASN A 199 -9.04 4.14 -1.61
N GLU A 200 -10.25 4.70 -1.64
CA GLU A 200 -11.38 4.12 -0.95
C GLU A 200 -11.94 2.97 -1.78
N PRO A 201 -11.96 1.76 -1.20
CA PRO A 201 -12.45 0.56 -1.89
C PRO A 201 -13.92 0.67 -2.25
N LEU A 202 -14.28 0.05 -3.38
CA LEU A 202 -15.69 -0.07 -3.76
C LEU A 202 -16.40 -1.07 -2.85
N GLY A 203 -17.69 -0.85 -2.63
CA GLY A 203 -18.51 -1.80 -1.88
C GLY A 203 -18.42 -3.21 -2.44
N THR A 204 -18.33 -3.32 -3.77
CA THR A 204 -18.22 -4.62 -4.45
C THR A 204 -16.83 -5.25 -4.32
N ASP A 205 -15.86 -4.48 -3.81
CA ASP A 205 -14.53 -4.99 -3.50
C ASP A 205 -14.48 -5.63 -2.12
N ILE A 206 -15.41 -5.21 -1.25
CA ILE A 206 -15.46 -5.65 0.14
C ILE A 206 -16.26 -6.95 0.26
N ILE A 207 -15.60 -8.02 0.73
CA ILE A 207 -16.22 -9.34 0.73
C ILE A 207 -16.77 -9.81 2.09
N SER A 208 -16.52 -9.03 3.14
CA SER A 208 -17.15 -9.28 4.43
C SER A 208 -18.61 -8.81 4.36
N PRO A 209 -19.50 -9.39 5.20
CA PRO A 209 -20.91 -8.98 5.14
C PRO A 209 -21.06 -7.51 5.55
N PRO A 210 -21.78 -6.72 4.72
CA PRO A 210 -21.99 -5.29 5.01
C PRO A 210 -22.41 -5.05 6.45
N LEU A 211 -21.92 -3.97 7.03
CA LEU A 211 -22.20 -3.63 8.42
C LEU A 211 -22.45 -2.13 8.50
N CYS A 212 -23.67 -1.73 8.88
CA CYS A 212 -24.02 -0.31 8.94
C CYS A 212 -23.40 0.37 10.16
N GLY A 213 -22.51 1.33 9.92
CA GLY A 213 -21.85 2.05 11.01
C GLY A 213 -20.37 1.76 11.15
N ASN A 214 -19.80 0.99 10.23
CA ASN A 214 -18.36 0.76 10.21
C ASN A 214 -17.57 1.82 9.42
N GLU A 215 -18.29 2.83 8.92
CA GLU A 215 -17.73 3.93 8.10
C GLU A 215 -17.25 3.50 6.71
N LEU A 216 -17.65 2.31 6.29
CA LEU A 216 -17.35 1.80 4.97
C LEU A 216 -18.63 1.70 4.16
N LEU A 217 -18.64 2.35 3.02
CA LEU A 217 -19.80 2.27 2.13
C LEU A 217 -19.83 0.91 1.44
N GLU A 218 -20.84 0.13 1.79
CA GLU A 218 -20.95 -1.25 1.32
C GLU A 218 -22.27 -1.49 0.58
N VAL A 219 -22.33 -2.59 -0.17
CA VAL A 219 -23.51 -3.01 -0.94
C VAL A 219 -24.76 -3.02 -0.04
N GLY A 220 -25.82 -2.36 -0.52
CA GLY A 220 -27.07 -2.27 0.22
C GLY A 220 -27.22 -1.02 1.08
N GLU A 221 -26.16 -0.22 1.17
CA GLU A 221 -26.16 1.01 1.96
C GLU A 221 -26.17 2.21 1.01
N GLU A 222 -26.91 3.26 1.39
CA GLU A 222 -26.92 4.51 0.63
C GLU A 222 -25.83 5.45 1.12
N CYS A 223 -25.52 5.31 2.41
CA CYS A 223 -24.49 6.10 3.06
C CYS A 223 -24.02 5.33 4.29
N ASP A 224 -22.86 5.71 4.83
CA ASP A 224 -22.37 5.19 6.09
C ASP A 224 -21.45 6.25 6.69
N CYS A 225 -21.87 6.82 7.81
CA CYS A 225 -21.08 7.83 8.50
C CYS A 225 -20.69 7.38 9.91
N GLY A 226 -20.69 6.06 10.13
CA GLY A 226 -20.32 5.48 11.41
C GLY A 226 -21.49 5.38 12.37
N THR A 227 -21.17 5.46 13.66
CA THR A 227 -22.16 5.40 14.72
C THR A 227 -22.90 6.73 14.81
N PRO A 228 -24.20 6.72 15.19
CA PRO A 228 -24.93 7.97 15.41
C PRO A 228 -24.14 9.03 16.19
N GLU A 229 -23.34 8.57 17.16
CA GLU A 229 -22.58 9.47 18.04
C GLU A 229 -21.41 10.12 17.31
N ASN A 230 -20.76 9.34 16.43
CA ASN A 230 -19.59 9.82 15.68
C ASN A 230 -19.94 10.47 14.33
N CYS A 231 -21.18 10.29 13.87
CA CYS A 231 -21.60 10.76 12.54
C CYS A 231 -21.68 12.29 12.44
N GLN A 232 -20.99 12.84 11.45
CA GLN A 232 -21.01 14.27 11.18
C GLN A 232 -21.41 14.51 9.72
N ASN A 233 -22.29 13.65 9.22
CA ASN A 233 -22.78 13.69 7.86
C ASN A 233 -24.28 14.02 7.83
N PRO A 234 -24.63 15.29 7.50
CA PRO A 234 -26.03 15.75 7.52
C PRO A 234 -26.91 15.13 6.43
N CYS A 235 -26.30 14.48 5.45
CA CYS A 235 -27.03 13.81 4.37
C CYS A 235 -27.51 12.43 4.80
N CYS A 236 -26.92 11.92 5.87
CA CYS A 236 -27.02 10.51 6.23
C CYS A 236 -27.68 10.24 7.58
N ASP A 237 -28.64 9.33 7.60
CA ASP A 237 -29.14 8.79 8.86
C ASP A 237 -28.26 7.62 9.30
N ALA A 238 -27.43 7.88 10.29
CA ALA A 238 -26.37 6.96 10.72
C ALA A 238 -26.86 5.57 11.10
N ALA A 239 -27.95 5.51 11.85
CA ALA A 239 -28.52 4.25 12.34
C ALA A 239 -28.91 3.28 11.23
N THR A 240 -29.48 3.82 10.15
CA THR A 240 -30.06 3.00 9.09
C THR A 240 -29.25 2.98 7.79
N CYS A 241 -28.24 3.83 7.70
CA CYS A 241 -27.41 3.95 6.49
C CYS A 241 -28.26 4.29 5.26
N LYS A 242 -29.29 5.10 5.50
CA LYS A 242 -30.19 5.57 4.48
C LYS A 242 -30.02 7.07 4.31
N LEU A 243 -30.14 7.54 3.07
CA LEU A 243 -30.14 8.97 2.81
C LEU A 243 -31.38 9.59 3.42
N LYS A 244 -31.20 10.77 4.00
CA LYS A 244 -32.29 11.59 4.53
C LYS A 244 -33.07 12.23 3.39
N SER A 245 -34.34 12.57 3.63
CA SER A 245 -35.17 13.23 2.64
C SER A 245 -34.47 14.41 1.99
N GLY A 246 -34.60 14.52 0.68
CA GLY A 246 -33.98 15.60 -0.07
C GLY A 246 -32.62 15.24 -0.62
N SER A 247 -31.90 14.36 0.08
CA SER A 247 -30.55 13.97 -0.32
C SER A 247 -30.51 13.11 -1.58
N GLN A 248 -29.74 13.57 -2.55
CA GLN A 248 -29.45 12.82 -3.78
C GLN A 248 -28.31 11.86 -3.51
N CYS A 249 -27.43 12.26 -2.60
CA CYS A 249 -26.22 11.52 -2.27
C CYS A 249 -25.73 11.92 -0.88
N GLY A 250 -24.88 11.08 -0.29
CA GLY A 250 -24.30 11.36 1.00
C GLY A 250 -22.84 10.96 1.07
N HIS A 251 -22.23 10.75 -0.09
CA HIS A 251 -20.88 10.17 -0.18
C HIS A 251 -20.28 10.45 -1.56
N GLY A 252 -18.96 10.56 -1.61
CA GLY A 252 -18.23 10.61 -2.88
C GLY A 252 -17.66 11.96 -3.26
N LYS A 253 -16.77 11.95 -4.25
CA LYS A 253 -16.09 13.17 -4.70
C LYS A 253 -17.03 14.13 -5.46
N CYS A 254 -18.07 13.55 -6.05
CA CYS A 254 -19.06 14.28 -6.85
C CYS A 254 -20.37 14.43 -6.09
N CYS A 255 -20.26 14.49 -4.77
CA CYS A 255 -21.36 14.88 -3.91
C CYS A 255 -20.95 16.11 -3.12
N GLU A 256 -21.77 17.16 -3.20
CA GLU A 256 -21.58 18.36 -2.40
C GLU A 256 -22.92 18.80 -1.82
N GLN A 257 -22.94 19.10 -0.52
CA GLN A 257 -24.13 19.53 0.21
C GLN A 257 -25.34 18.61 -0.06
N CYS A 258 -25.05 17.31 -0.17
CA CYS A 258 -26.04 16.24 -0.40
C CYS A 258 -26.59 16.18 -1.82
N LYS A 259 -25.94 16.92 -2.73
CA LYS A 259 -26.36 16.99 -4.12
C LYS A 259 -25.24 16.55 -5.04
N PHE A 260 -25.63 15.93 -6.16
CA PHE A 260 -24.69 15.63 -7.24
C PHE A 260 -24.03 16.93 -7.69
N ARG A 261 -22.71 16.92 -7.79
CA ARG A 261 -22.01 18.06 -8.36
C ARG A 261 -22.37 18.15 -9.83
N THR A 262 -22.33 19.35 -10.39
CA THR A 262 -22.73 19.52 -11.78
C THR A 262 -21.72 18.92 -12.76
N SER A 263 -22.22 18.68 -13.97
CA SER A 263 -21.49 18.12 -15.09
C SER A 263 -20.23 18.95 -15.38
N GLY A 264 -19.07 18.28 -15.44
CA GLY A 264 -17.82 18.95 -15.77
C GLY A 264 -17.04 19.56 -14.63
N THR A 265 -17.52 19.40 -13.39
CA THR A 265 -16.77 19.75 -12.18
C THR A 265 -15.60 18.77 -12.04
N GLU A 266 -14.39 19.28 -11.92
CA GLU A 266 -13.22 18.41 -11.81
C GLU A 266 -13.25 17.62 -10.51
N CYS A 267 -13.05 16.31 -10.61
CA CYS A 267 -13.01 15.48 -9.42
C CYS A 267 -11.66 14.73 -9.27
N ARG A 268 -10.89 14.66 -10.34
CA ARG A 268 -9.51 14.17 -10.26
C ARG A 268 -8.62 14.99 -11.21
N ALA A 269 -7.77 15.82 -10.63
CA ALA A 269 -6.82 16.63 -11.39
C ALA A 269 -5.89 15.76 -12.24
N SER A 270 -5.52 16.29 -13.40
CA SER A 270 -4.60 15.61 -14.29
C SER A 270 -3.17 15.73 -13.72
N MET A 271 -2.50 14.61 -13.44
CA MET A 271 -1.14 14.69 -12.91
C MET A 271 -0.06 14.96 -13.98
N SER A 272 -0.42 14.76 -15.26
CA SER A 272 0.45 15.09 -16.37
C SER A 272 -0.33 15.01 -17.68
N GLU A 273 0.34 15.31 -18.79
CA GLU A 273 -0.27 15.24 -20.12
C GLU A 273 -0.56 13.82 -20.61
N CYS A 274 -0.12 12.83 -19.82
CA CYS A 274 -0.43 11.41 -20.05
C CYS A 274 -1.61 10.97 -19.22
N ASP A 275 -2.19 11.91 -18.47
CA ASP A 275 -3.29 11.64 -17.57
C ASP A 275 -4.45 12.62 -17.79
N PRO A 276 -5.47 12.21 -18.56
CA PRO A 276 -6.67 13.04 -18.72
C PRO A 276 -7.38 13.20 -17.38
N ALA A 277 -7.79 14.43 -17.07
CA ALA A 277 -8.58 14.70 -15.87
C ALA A 277 -9.95 14.01 -15.95
N GLU A 278 -10.52 13.70 -14.80
CA GLU A 278 -11.88 13.17 -14.74
C GLU A 278 -12.79 14.19 -14.08
N HIS A 279 -14.01 14.29 -14.59
CA HIS A 279 -14.98 15.26 -14.11
C HIS A 279 -16.28 14.59 -13.71
N CYS A 280 -17.02 15.23 -12.79
CA CYS A 280 -18.34 14.77 -12.39
C CYS A 280 -19.28 14.73 -13.59
N THR A 281 -20.15 13.73 -13.61
CA THR A 281 -21.12 13.56 -14.70
C THR A 281 -22.35 14.44 -14.56
N GLY A 282 -22.69 14.78 -13.32
CA GLY A 282 -23.96 15.45 -13.03
C GLY A 282 -25.03 14.47 -12.57
N GLN A 283 -24.92 13.22 -13.04
CA GLN A 283 -25.90 12.17 -12.79
C GLN A 283 -25.37 11.06 -11.87
N SER A 284 -24.32 11.37 -11.10
CA SER A 284 -23.70 10.42 -10.17
C SER A 284 -22.86 11.14 -9.10
N SER A 285 -22.77 10.54 -7.91
CA SER A 285 -22.03 11.10 -6.78
C SER A 285 -20.56 10.69 -6.77
N GLU A 286 -20.19 9.83 -7.71
CA GLU A 286 -18.84 9.29 -7.73
C GLU A 286 -18.05 9.80 -8.92
N CYS A 287 -16.81 10.19 -8.65
CA CYS A 287 -15.88 10.56 -9.69
C CYS A 287 -15.65 9.33 -10.57
N PRO A 288 -15.72 9.50 -11.90
CA PRO A 288 -15.41 8.41 -12.84
C PRO A 288 -14.06 7.77 -12.54
N ALA A 289 -13.90 6.49 -12.87
CA ALA A 289 -12.65 5.76 -12.64
C ALA A 289 -11.49 6.44 -13.39
N ASP A 290 -10.30 6.35 -12.83
CA ASP A 290 -9.13 7.05 -13.38
C ASP A 290 -8.69 6.45 -14.71
N VAL A 291 -8.59 7.31 -15.71
CA VAL A 291 -8.12 6.93 -17.04
C VAL A 291 -6.75 7.58 -17.31
N PHE A 292 -5.86 6.81 -17.92
CA PHE A 292 -4.57 7.33 -18.38
C PHE A 292 -4.57 7.25 -19.89
N HIS A 293 -3.76 8.09 -20.53
CA HIS A 293 -3.48 7.93 -21.95
C HIS A 293 -2.55 6.74 -22.16
N LYS A 294 -2.55 6.22 -23.39
CA LYS A 294 -1.80 5.00 -23.72
C LYS A 294 -0.30 5.12 -23.43
N ASN A 295 0.22 4.12 -22.73
CA ASN A 295 1.66 4.03 -22.49
C ASN A 295 2.43 4.03 -23.82
N GLY A 296 3.50 4.81 -23.87
CA GLY A 296 4.39 4.83 -25.04
C GLY A 296 4.11 6.00 -25.97
N GLU A 297 3.04 6.72 -25.68
CA GLU A 297 2.68 7.91 -26.45
C GLU A 297 3.70 9.00 -26.17
N PRO A 298 4.26 9.61 -27.23
CA PRO A 298 5.20 10.72 -27.05
C PRO A 298 4.62 11.83 -26.18
N CYS A 299 5.45 12.40 -25.31
CA CYS A 299 5.02 13.44 -24.38
C CYS A 299 6.15 14.41 -24.03
N LEU A 300 5.79 15.58 -23.50
CA LEU A 300 6.73 16.61 -23.04
C LEU A 300 7.70 17.09 -24.13
N ASP A 301 7.13 17.65 -25.22
CA ASP A 301 7.88 18.10 -26.41
C ASP A 301 8.86 17.04 -26.92
N ASN A 302 8.41 15.79 -26.99
CA ASN A 302 9.23 14.66 -27.42
C ASN A 302 10.43 14.37 -26.51
N TYR A 303 10.32 14.70 -25.23
CA TYR A 303 11.35 14.35 -24.25
C TYR A 303 11.05 13.05 -23.54
N GLY A 304 9.81 12.58 -23.65
CA GLY A 304 9.39 11.36 -22.99
C GLY A 304 8.40 10.52 -23.75
N TYR A 305 8.00 9.41 -23.13
CA TYR A 305 6.87 8.61 -23.56
C TYR A 305 6.01 8.31 -22.34
N CYS A 306 4.71 8.19 -22.54
CA CYS A 306 3.77 8.02 -21.45
C CYS A 306 3.99 6.73 -20.68
N TYR A 307 3.98 6.84 -19.36
CA TYR A 307 4.03 5.65 -18.52
C TYR A 307 3.12 5.82 -17.31
N ASN A 308 1.96 5.17 -17.38
CA ASN A 308 0.93 5.16 -16.32
C ASN A 308 0.56 6.53 -15.76
N GLY A 309 0.14 7.43 -16.65
CA GLY A 309 -0.34 8.75 -16.26
C GLY A 309 0.73 9.80 -16.13
N ASN A 310 1.99 9.38 -16.27
CA ASN A 310 3.13 10.28 -16.14
C ASN A 310 4.00 10.29 -17.38
N CYS A 311 4.87 11.30 -17.48
CA CYS A 311 5.85 11.39 -18.56
C CYS A 311 7.25 11.40 -17.92
N PRO A 312 7.76 10.21 -17.54
CA PRO A 312 9.08 10.18 -16.88
C PRO A 312 10.22 10.62 -17.79
N ILE A 313 10.92 11.68 -17.38
CA ILE A 313 12.04 12.19 -18.14
C ILE A 313 13.24 12.50 -17.23
N MET A 314 14.45 12.31 -17.77
CA MET A 314 15.71 12.51 -17.03
C MET A 314 15.78 13.83 -16.28
N TYR A 315 15.44 14.93 -16.96
CA TYR A 315 15.57 16.28 -16.37
C TYR A 315 14.71 16.45 -15.11
N HIS A 316 13.47 15.99 -15.18
CA HIS A 316 12.55 16.07 -14.05
C HIS A 316 12.97 15.18 -12.87
N GLN A 317 13.61 14.06 -13.16
CA GLN A 317 14.09 13.18 -12.10
C GLN A 317 15.33 13.77 -11.42
N CYS A 318 16.17 14.44 -12.20
CA CYS A 318 17.29 15.21 -11.66
C CYS A 318 16.77 16.34 -10.79
N TYR A 319 15.70 16.99 -11.26
CA TYR A 319 15.08 18.13 -10.62
C TYR A 319 14.49 17.73 -9.27
N ALA A 320 13.73 16.64 -9.27
CA ALA A 320 13.16 16.09 -8.04
C ALA A 320 14.22 15.74 -6.98
N LEU A 321 15.35 15.20 -7.42
CA LEU A 321 16.42 14.81 -6.50
C LEU A 321 17.29 15.98 -6.02
N PHE A 322 17.67 16.87 -6.92
CA PHE A 322 18.72 17.83 -6.63
C PHE A 322 18.35 19.32 -6.70
N GLY A 323 17.17 19.64 -7.22
CA GLY A 323 16.71 21.03 -7.24
C GLY A 323 16.74 21.73 -8.58
N ALA A 324 16.42 23.02 -8.55
CA ALA A 324 16.07 23.83 -9.74
C ALA A 324 17.05 23.87 -10.91
N ASP A 325 18.35 23.98 -10.63
CA ASP A 325 19.27 24.25 -11.73
C ASP A 325 20.16 23.09 -12.14
N ILE A 326 19.67 21.87 -11.89
CA ILE A 326 20.41 20.66 -12.19
C ILE A 326 19.91 19.99 -13.46
N TYR A 327 20.82 19.82 -14.41
CA TYR A 327 20.45 19.27 -15.70
C TYR A 327 20.91 17.83 -15.91
N GLU A 328 20.46 17.24 -17.01
CA GLU A 328 20.90 15.92 -17.44
C GLU A 328 22.41 15.91 -17.59
N ALA A 329 23.06 14.87 -17.07
CA ALA A 329 24.49 14.68 -17.24
C ALA A 329 24.83 14.20 -18.64
N GLU A 330 26.10 14.34 -19.03
CA GLU A 330 26.61 13.81 -20.28
C GLU A 330 26.59 12.29 -20.27
N ASP A 331 26.51 11.69 -21.47
CA ASP A 331 26.47 10.24 -21.65
C ASP A 331 27.54 9.48 -20.90
N SER A 332 28.75 10.05 -20.83
CA SER A 332 29.89 9.42 -20.16
C SER A 332 29.65 9.08 -18.68
N CYS A 333 28.90 9.92 -17.98
CA CYS A 333 28.57 9.68 -16.57
C CYS A 333 27.94 8.31 -16.39
N PHE A 334 27.04 7.96 -17.32
CA PHE A 334 26.26 6.72 -17.24
C PHE A 334 27.09 5.42 -17.40
N GLU A 335 28.36 5.57 -17.79
CA GLU A 335 29.29 4.44 -17.89
C GLU A 335 29.63 3.79 -16.54
N SER A 336 29.54 4.57 -15.45
CA SER A 336 29.67 4.04 -14.10
C SER A 336 28.65 2.94 -13.77
N ASN A 337 27.58 2.85 -14.55
CA ASN A 337 26.56 1.80 -14.35
C ASN A 337 27.02 0.40 -14.79
N LYS A 338 28.16 0.37 -15.47
CA LYS A 338 28.81 -0.88 -15.90
C LYS A 338 29.59 -1.51 -14.77
N LYS A 339 29.74 -0.76 -13.67
CA LYS A 339 30.61 -1.19 -12.57
C LYS A 339 30.05 -2.37 -11.79
N GLY A 340 28.73 -2.45 -11.68
CA GLY A 340 28.07 -3.43 -10.79
C GLY A 340 28.44 -3.24 -9.33
N ASN A 341 28.79 -2.01 -8.96
CA ASN A 341 29.16 -1.66 -7.58
C ASN A 341 27.94 -1.18 -6.77
N TYR A 342 28.19 -0.56 -5.63
CA TYR A 342 27.10 -0.18 -4.71
C TYR A 342 26.00 0.69 -5.33
N TYR A 343 26.38 1.61 -6.23
CA TYR A 343 25.41 2.52 -6.89
C TYR A 343 25.29 2.28 -8.42
N GLY A 344 26.38 1.83 -9.04
CA GLY A 344 26.46 1.73 -10.51
C GLY A 344 26.01 0.39 -11.06
N TYR A 345 24.71 0.25 -11.32
CA TYR A 345 24.15 -0.97 -11.87
C TYR A 345 22.82 -0.65 -12.55
N CYS A 346 22.25 -1.63 -13.23
CA CYS A 346 20.98 -1.47 -13.96
C CYS A 346 19.77 -2.03 -13.25
N ARG A 347 19.96 -3.15 -12.56
CA ARG A 347 18.88 -3.84 -11.88
C ARG A 347 19.51 -4.81 -10.89
N LYS A 348 18.66 -5.42 -10.09
CA LYS A 348 19.06 -6.42 -9.13
C LYS A 348 18.40 -7.72 -9.53
N GLU A 349 19.03 -8.82 -9.16
CA GLU A 349 18.53 -10.17 -9.46
C GLU A 349 18.90 -10.99 -8.25
N ASN A 350 17.88 -11.35 -7.46
CA ASN A 350 18.07 -11.99 -6.15
C ASN A 350 19.02 -11.24 -5.21
N GLY A 351 18.97 -9.91 -5.25
CA GLY A 351 19.85 -9.08 -4.42
C GLY A 351 21.18 -8.69 -5.04
N LYS A 352 21.59 -9.39 -6.09
CA LYS A 352 22.86 -9.10 -6.78
C LYS A 352 22.67 -7.95 -7.74
N LYS A 353 23.59 -6.99 -7.70
CA LYS A 353 23.52 -5.82 -8.56
C LYS A 353 24.13 -6.17 -9.90
N ILE A 354 23.29 -6.09 -10.93
CA ILE A 354 23.69 -6.43 -12.31
C ILE A 354 24.12 -5.17 -13.05
N PRO A 355 25.41 -5.12 -13.49
CA PRO A 355 25.89 -4.00 -14.29
C PRO A 355 25.07 -3.78 -15.56
N CYS A 356 25.02 -2.55 -16.05
CA CYS A 356 24.36 -2.27 -17.32
C CYS A 356 25.26 -2.71 -18.48
N ALA A 357 24.65 -3.34 -19.50
CA ALA A 357 25.31 -3.50 -20.80
C ALA A 357 25.40 -2.12 -21.42
N SER A 358 26.26 -1.97 -22.43
CA SER A 358 26.46 -0.68 -23.08
C SER A 358 25.16 -0.02 -23.56
N GLU A 359 24.24 -0.85 -24.06
CA GLU A 359 23.00 -0.35 -24.64
CA GLU A 359 22.99 -0.39 -24.63
C GLU A 359 21.99 0.06 -23.58
N ASP A 360 22.22 -0.35 -22.33
CA ASP A 360 21.30 -0.10 -21.21
C ASP A 360 21.76 0.91 -20.15
N VAL A 361 22.89 1.58 -20.35
CA VAL A 361 23.50 2.42 -19.30
C VAL A 361 22.62 3.53 -18.74
N LYS A 362 21.71 4.03 -19.59
CA LYS A 362 20.81 5.10 -19.25
C LYS A 362 19.59 4.62 -18.48
N CYS A 363 19.55 3.33 -18.16
CA CYS A 363 18.42 2.79 -17.41
C CYS A 363 18.81 2.30 -16.03
N GLY A 364 20.01 2.63 -15.59
CA GLY A 364 20.44 2.27 -14.25
C GLY A 364 20.32 3.46 -13.32
N ARG A 365 21.39 3.72 -12.56
CA ARG A 365 21.47 4.90 -11.71
C ARG A 365 21.44 6.16 -12.56
N LEU A 366 20.69 7.15 -12.08
CA LEU A 366 20.63 8.46 -12.74
C LEU A 366 21.86 9.30 -12.42
N TYR A 367 22.37 10.00 -13.42
CA TYR A 367 23.45 10.98 -13.25
C TYR A 367 23.00 12.35 -13.71
N CYS A 368 23.39 13.38 -12.97
CA CYS A 368 22.98 14.75 -13.24
C CYS A 368 24.17 15.70 -13.21
N LYS A 369 24.15 16.71 -14.08
CA LYS A 369 25.17 17.76 -14.06
C LYS A 369 24.79 18.82 -13.03
N ASP A 370 25.54 18.85 -11.94
CA ASP A 370 25.26 19.76 -10.83
C ASP A 370 26.29 20.88 -10.82
N ASP A 371 25.82 22.11 -11.00
CA ASP A 371 26.70 23.26 -11.04
C ASP A 371 26.60 24.11 -9.76
N SER A 372 26.12 23.50 -8.69
CA SER A 372 26.08 24.13 -7.36
C SER A 372 27.37 24.90 -7.07
N PRO A 373 27.24 26.22 -6.76
CA PRO A 373 28.38 27.07 -6.45
C PRO A 373 29.36 26.40 -5.47
N GLY A 374 30.55 26.11 -5.95
CA GLY A 374 31.62 25.57 -5.10
C GLY A 374 31.56 24.08 -4.86
N GLN A 375 30.49 23.43 -5.33
CA GLN A 375 30.35 21.97 -5.23
C GLN A 375 29.91 21.36 -6.56
N ASN A 376 30.58 21.76 -7.63
CA ASN A 376 30.30 21.27 -8.97
C ASN A 376 30.55 19.76 -9.06
N ASN A 377 29.62 19.06 -9.69
CA ASN A 377 29.76 17.63 -9.94
C ASN A 377 29.06 17.29 -11.26
N PRO A 378 29.84 16.98 -12.29
CA PRO A 378 29.28 16.70 -13.62
C PRO A 378 28.49 15.39 -13.67
N CYS A 379 28.77 14.47 -12.73
CA CYS A 379 28.11 13.17 -12.68
C CYS A 379 27.51 12.90 -11.29
N LYS A 380 26.65 13.80 -10.84
CA LYS A 380 26.00 13.68 -9.54
C LYS A 380 24.94 12.60 -9.58
N MET A 381 24.98 11.71 -8.60
CA MET A 381 23.95 10.70 -8.41
C MET A 381 23.43 10.70 -6.94
N PHE A 382 22.28 10.07 -6.70
CA PHE A 382 21.81 9.85 -5.33
C PHE A 382 21.94 8.38 -4.95
N TYR A 383 22.64 8.11 -3.86
CA TYR A 383 22.65 6.79 -3.27
C TYR A 383 22.45 6.85 -1.75
N SER A 384 21.57 6.00 -1.25
CA SER A 384 21.35 5.82 0.19
C SER A 384 20.97 4.36 0.41
N ASN A 385 21.62 3.69 1.35
CA ASN A 385 21.29 2.28 1.62
C ASN A 385 19.98 2.06 2.36
N ASP A 386 19.34 3.19 2.71
CA ASP A 386 17.98 3.24 3.25
C ASP A 386 16.96 2.79 2.20
N ASP A 387 17.26 3.11 0.95
CA ASP A 387 16.41 2.78 -0.19
C ASP A 387 17.29 2.87 -1.44
N GLU A 388 17.87 1.74 -1.82
CA GLU A 388 18.85 1.73 -2.88
C GLU A 388 18.27 2.09 -4.25
N HIS A 389 16.94 1.95 -4.38
CA HIS A 389 16.23 2.27 -5.61
C HIS A 389 16.01 3.76 -5.84
N LYS A 390 16.05 4.54 -4.76
CA LYS A 390 15.97 5.98 -4.89
C LYS A 390 17.21 6.50 -5.63
N GLY A 391 16.98 7.26 -6.69
CA GLY A 391 18.07 7.70 -7.56
C GLY A 391 18.28 6.85 -8.82
N MET A 392 17.64 5.68 -8.89
CA MET A 392 17.57 4.88 -10.11
C MET A 392 16.58 5.48 -11.12
N VAL A 393 16.96 5.43 -12.40
CA VAL A 393 16.11 5.95 -13.49
C VAL A 393 14.73 5.27 -13.41
N LEU A 394 13.66 6.07 -13.46
CA LEU A 394 12.29 5.54 -13.34
C LEU A 394 11.89 4.64 -14.54
N PRO A 395 11.03 3.63 -14.29
CA PRO A 395 10.44 2.81 -15.36
C PRO A 395 9.69 3.67 -16.37
N GLY A 396 9.85 3.38 -17.65
CA GLY A 396 9.18 4.11 -18.70
C GLY A 396 9.90 5.37 -19.14
N THR A 397 11.05 5.64 -18.53
CA THR A 397 11.86 6.81 -18.91
C THR A 397 12.48 6.61 -20.28
N LYS A 398 12.28 7.60 -21.15
CA LYS A 398 12.91 7.65 -22.46
C LYS A 398 14.44 7.65 -22.33
N CYS A 399 15.07 6.64 -22.94
CA CYS A 399 16.52 6.46 -22.84
C CYS A 399 17.23 6.69 -24.16
N ALA A 400 16.45 6.76 -25.24
CA ALA A 400 16.94 7.07 -26.56
C ALA A 400 15.74 7.42 -27.42
N ASP A 401 15.99 7.87 -28.64
CA ASP A 401 14.91 8.05 -29.62
C ASP A 401 14.22 6.70 -29.83
N GLY A 402 12.92 6.65 -29.56
CA GLY A 402 12.11 5.44 -29.75
C GLY A 402 12.28 4.35 -28.72
N LYS A 403 12.88 4.68 -27.57
CA LYS A 403 13.21 3.68 -26.54
C LYS A 403 12.93 4.15 -25.11
N VAL A 404 12.44 3.22 -24.28
CA VAL A 404 12.14 3.48 -22.86
C VAL A 404 12.79 2.48 -21.91
N CYS A 405 12.97 2.87 -20.66
CA CYS A 405 13.49 1.95 -19.66
C CYS A 405 12.44 0.96 -19.18
N SER A 406 12.80 -0.32 -19.21
CA SER A 406 11.96 -1.39 -18.71
C SER A 406 12.84 -2.43 -18.03
N ASN A 407 12.69 -2.58 -16.72
CA ASN A 407 13.51 -3.48 -15.89
C ASN A 407 15.03 -3.26 -16.08
N GLY A 408 15.42 -1.99 -16.15
CA GLY A 408 16.80 -1.60 -16.34
C GLY A 408 17.34 -1.91 -17.73
N HIS A 409 16.44 -2.08 -18.69
CA HIS A 409 16.83 -2.20 -20.10
C HIS A 409 16.28 -1.03 -20.89
N CYS A 410 17.08 -0.50 -21.80
CA CYS A 410 16.59 0.46 -22.79
C CYS A 410 15.98 -0.31 -23.97
N VAL A 411 14.65 -0.34 -24.03
CA VAL A 411 13.93 -1.17 -25.01
C VAL A 411 13.11 -0.33 -26.00
N ASP A 412 12.77 -0.95 -27.14
CA ASP A 412 11.90 -0.33 -28.15
C ASP A 412 10.54 -0.01 -27.55
N VAL A 413 10.14 1.25 -27.68
CA VAL A 413 8.90 1.75 -27.11
C VAL A 413 7.66 1.04 -27.71
N THR A 414 7.77 0.66 -28.98
CA THR A 414 6.68 0.02 -29.74
C THR A 414 6.27 -1.33 -29.14
N THR A 415 7.24 -2.09 -28.67
CA THR A 415 7.00 -3.44 -28.15
C THR A 415 7.09 -3.51 -26.62
N ALA A 416 7.37 -2.38 -25.99
CA ALA A 416 7.57 -2.28 -24.55
C ALA A 416 6.30 -2.55 -23.73
N TYR A 417 5.15 -2.22 -24.31
CA TYR A 417 3.89 -2.22 -23.57
C TYR A 417 2.85 -3.20 -24.12
N LYS B 1 3.30 -14.02 26.15
CA LYS B 1 3.39 -14.27 24.68
C LYS B 1 3.58 -12.96 23.92
N ASN B 2 4.48 -12.96 22.94
CA ASN B 2 4.91 -11.71 22.31
C ASN B 2 4.75 -11.66 20.78
N LEU B 3 4.89 -10.45 20.24
CA LEU B 3 4.68 -10.18 18.82
C LEU B 3 5.82 -9.31 18.30
#